data_4ZFY
#
_entry.id   4ZFY
#
_cell.length_a   110.300
_cell.length_b   136.990
_cell.length_c   44.400
_cell.angle_alpha   90.00
_cell.angle_beta   90.00
_cell.angle_gamma   90.00
#
_symmetry.space_group_name_H-M   'P 21 21 2'
#
loop_
_entity.id
_entity.type
_entity.pdbx_description
1 polymer 'rRNA N-glycosidase'
2 polymer 'rRNA N-glycosidase'
3 branched beta-D-mannopyranose-(1-4)-2-acetamido-2-deoxy-beta-D-glucopyranose-(1-4)-2-acetamido-2-deoxy-beta-D-glucopyranose
4 non-polymer 2-acetamido-2-deoxy-beta-D-glucopyranose
5 non-polymer 'methyl alpha-D-galactopyranoside'
6 water water
#
loop_
_entity_poly.entity_id
_entity_poly.type
_entity_poly.pdbx_seq_one_letter_code
_entity_poly.pdbx_strand_id
1 'polypeptide(L)'
;NLSLSQSNFSADTYKSFIKNLRKQLTIGASYGSAGIPILKHSVPICERFLLVDLTNGDNETITLAINVEDAGFAAYRAAD
RSYFFQNAPPIASYVIFTDTNQNIMNFNNTFESIEIVGGTTRSETPLGIMHFEASIFHLFVHDENYVPTSFLVLIQMVLE
AAKFKFIEQKVIHSIMDMEDFTPGLAMLSLEENWTQLSLQLQASESLNGVFGDSVSLYNSMDEPIGVDSMYYPILTANMA
FQLYQCP
;
A
2 'polypeptide(L)'
;NEQCSPQQRTTRISGRDGLCVDVYGALTADGSRVILYPCGQQQNQQWTFYPDNTIRSLGKCLATSALSSGSNVVITNCDY
LRYDDGWMVSSSGTMMNKSSHLVLTANAATSRTNLTGENNVFAAKQAWRIGNYVEPIVTTIIGLRHMCLEATDNDTNVWL
ESCVKNKTKQYWALYSDDTIRVNNNRNLCVSSSTDSSSKLIVIRRCDGSINQRWVFTPQGTISNPGYEAVMDVAQNDVYL
KKIVLSSATDKGNGQQWTVFY
;
B
#
loop_
_chem_comp.id
_chem_comp.type
_chem_comp.name
_chem_comp.formula
AMG D-saccharide 'methyl alpha-D-galactopyranoside' 'C7 H14 O6'
BMA D-saccharide, beta linking beta-D-mannopyranose 'C6 H12 O6'
NAG D-saccharide, beta linking 2-acetamido-2-deoxy-beta-D-glucopyranose 'C8 H15 N O6'
#
# COMPACT_ATOMS: atom_id res chain seq x y z
N ASN A 1 -27.53 -9.00 4.98
CA ASN A 1 -26.52 -8.90 3.88
C ASN A 1 -26.06 -7.46 3.69
N LEU A 2 -24.76 -7.28 3.46
CA LEU A 2 -24.19 -5.96 3.17
C LEU A 2 -24.70 -5.45 1.82
N SER A 3 -24.95 -4.14 1.72
CA SER A 3 -25.63 -3.57 0.55
C SER A 3 -25.06 -2.25 0.05
N LEU A 4 -25.20 -2.03 -1.26
CA LEU A 4 -24.98 -0.74 -1.89
C LEU A 4 -26.11 -0.51 -2.89
N SER A 5 -26.96 0.48 -2.62
CA SER A 5 -28.10 0.80 -3.46
C SER A 5 -27.91 2.15 -4.15
N GLN A 6 -28.62 2.33 -5.25
CA GLN A 6 -28.59 3.58 -6.02
C GLN A 6 -29.32 4.75 -5.30
N SER A 7 -30.25 4.43 -4.43
CA SER A 7 -30.95 5.48 -3.71
C SER A 7 -29.98 6.20 -2.79
N ASN A 8 -29.30 5.41 -1.96
CA ASN A 8 -28.29 5.89 -1.03
C ASN A 8 -26.95 5.80 -1.75
N PHE A 9 -26.73 6.62 -2.77
CA PHE A 9 -25.49 6.52 -3.52
C PHE A 9 -24.68 7.79 -3.65
N SER A 10 -23.41 7.71 -3.27
CA SER A 10 -22.50 8.83 -3.34
C SER A 10 -21.08 8.40 -3.06
N ALA A 11 -20.14 9.32 -3.19
CA ALA A 11 -18.76 9.03 -2.81
C ALA A 11 -18.67 8.48 -1.38
N ASP A 12 -19.42 9.10 -0.47
CA ASP A 12 -19.34 8.77 0.96
C ASP A 12 -19.91 7.39 1.28
N THR A 13 -21.12 7.10 0.80
CA THR A 13 -21.70 5.77 1.02
C THR A 13 -20.93 4.65 0.30
N TYR A 14 -20.37 4.94 -0.87
CA TYR A 14 -19.51 3.95 -1.55
C TYR A 14 -18.25 3.66 -0.73
N LYS A 15 -17.63 4.72 -0.21
CA LYS A 15 -16.51 4.59 0.71
C LYS A 15 -16.90 3.77 1.95
N SER A 16 -18.06 4.07 2.52
CA SER A 16 -18.58 3.30 3.66
C SER A 16 -18.83 1.85 3.31
N PHE A 17 -19.43 1.63 2.14
CA PHE A 17 -19.68 0.27 1.63
C PHE A 17 -18.39 -0.54 1.57
N ILE A 18 -17.35 0.06 0.99
CA ILE A 18 -16.06 -0.63 0.88
C ILE A 18 -15.42 -0.89 2.24
N LYS A 19 -15.51 0.06 3.18
CA LYS A 19 -14.96 -0.13 4.53
C LYS A 19 -15.57 -1.34 5.22
N ASN A 20 -16.90 -1.39 5.22
CA ASN A 20 -17.62 -2.51 5.82
C ASN A 20 -17.35 -3.84 5.11
N LEU A 21 -17.21 -3.78 3.78
CA LEU A 21 -16.82 -4.97 3.00
C LEU A 21 -15.45 -5.49 3.44
N ARG A 22 -14.47 -4.60 3.53
CA ARG A 22 -13.13 -4.95 4.03
C ARG A 22 -13.19 -5.52 5.44
N LYS A 23 -13.92 -4.82 6.30
CA LYS A 23 -14.05 -5.19 7.71
C LYS A 23 -14.60 -6.61 7.87
N GLN A 24 -15.65 -6.93 7.12
CA GLN A 24 -16.28 -8.25 7.19
C GLN A 24 -15.45 -9.37 6.55
N LEU A 25 -14.74 -9.06 5.47
CA LEU A 25 -13.79 -10.02 4.87
C LEU A 25 -12.60 -10.33 5.79
N THR A 26 -12.20 -9.35 6.60
CA THR A 26 -11.04 -9.48 7.50
C THR A 26 -11.42 -9.75 8.97
N ILE A 27 -12.63 -10.27 9.20
CA ILE A 27 -12.97 -10.88 10.49
C ILE A 27 -12.11 -12.14 10.60
N GLY A 28 -11.47 -12.32 11.76
CA GLY A 28 -10.57 -13.45 11.97
C GLY A 28 -9.31 -13.50 11.11
N ALA A 29 -8.91 -12.34 10.56
CA ALA A 29 -7.73 -12.25 9.70
C ALA A 29 -6.46 -12.39 10.54
N SER A 30 -5.46 -13.05 9.98
CA SER A 30 -4.13 -13.10 10.57
C SER A 30 -3.37 -11.83 10.16
N TYR A 31 -2.33 -11.52 10.93
CA TYR A 31 -1.51 -10.34 10.73
C TYR A 31 -0.04 -10.69 10.81
N GLY A 32 0.78 -10.02 10.00
CA GLY A 32 2.23 -10.12 10.06
C GLY A 32 2.83 -8.79 10.47
N SER A 33 4.12 -8.63 10.20
CA SER A 33 4.86 -7.42 10.56
C SER A 33 4.39 -6.21 9.73
N ALA A 34 4.01 -6.46 8.49
CA ALA A 34 3.46 -5.42 7.60
C ALA A 34 2.16 -4.78 8.11
N GLY A 35 1.40 -5.52 8.92
CA GLY A 35 0.14 -5.02 9.48
C GLY A 35 -1.02 -4.98 8.50
N ILE A 36 -0.90 -5.68 7.37
CA ILE A 36 -1.95 -5.79 6.37
C ILE A 36 -2.63 -7.14 6.58
N PRO A 37 -3.93 -7.15 6.94
CA PRO A 37 -4.60 -8.41 7.30
C PRO A 37 -4.56 -9.46 6.20
N ILE A 38 -4.28 -10.71 6.57
CA ILE A 38 -4.27 -11.82 5.62
C ILE A 38 -5.62 -12.55 5.73
N LEU A 39 -6.26 -12.79 4.58
CA LEU A 39 -7.56 -13.48 4.54
C LEU A 39 -7.47 -14.90 5.10
N LYS A 40 -8.61 -15.43 5.52
CA LYS A 40 -8.67 -16.73 6.17
C LYS A 40 -8.48 -17.85 5.14
N HIS A 41 -7.99 -18.99 5.62
CA HIS A 41 -7.65 -20.12 4.74
C HIS A 41 -8.22 -21.42 5.28
N SER A 42 -8.42 -22.38 4.36
CA SER A 42 -9.04 -23.69 4.67
C SER A 42 -10.31 -23.52 5.51
N VAL A 43 -11.18 -22.64 5.02
CA VAL A 43 -12.41 -22.28 5.71
C VAL A 43 -13.47 -23.35 5.41
N PRO A 44 -14.15 -23.88 6.44
CA PRO A 44 -15.28 -24.79 6.16
C PRO A 44 -16.25 -24.18 5.15
N ILE A 45 -16.61 -24.93 4.14
CA ILE A 45 -17.47 -24.47 3.09
C ILE A 45 -18.70 -23.77 3.56
N CYS A 46 -19.30 -24.29 4.58
CA CYS A 46 -20.53 -23.79 5.09
C CYS A 46 -20.39 -22.37 5.57
N GLU A 47 -19.19 -21.85 5.66
CA GLU A 47 -18.98 -20.48 6.07
C GLU A 47 -17.94 -19.71 5.28
N ARG A 48 -17.69 -20.16 4.10
CA ARG A 48 -16.69 -19.64 3.16
C ARG A 48 -17.24 -18.53 2.26
N PHE A 49 -18.52 -18.16 2.41
CA PHE A 49 -19.12 -17.17 1.52
C PHE A 49 -19.73 -15.98 2.27
N LEU A 50 -19.41 -14.78 1.77
CA LEU A 50 -19.97 -13.53 2.25
C LEU A 50 -20.93 -13.02 1.19
N LEU A 51 -22.19 -12.84 1.57
CA LEU A 51 -23.24 -12.41 0.64
C LEU A 51 -23.37 -10.90 0.67
N VAL A 52 -23.44 -10.30 -0.52
CA VAL A 52 -23.50 -8.85 -0.71
C VAL A 52 -24.59 -8.52 -1.73
N ASP A 53 -25.52 -7.64 -1.35
CA ASP A 53 -26.59 -7.19 -2.26
C ASP A 53 -26.18 -5.93 -3.00
N LEU A 54 -26.53 -5.86 -4.28
CA LEU A 54 -26.36 -4.64 -5.08
C LEU A 54 -27.66 -4.34 -5.79
N THR A 55 -28.04 -3.07 -5.79
CA THR A 55 -29.31 -2.63 -6.33
C THR A 55 -29.13 -1.37 -7.18
N ASN A 56 -29.61 -1.43 -8.42
CA ASN A 56 -29.62 -0.27 -9.32
C ASN A 56 -30.78 0.70 -9.01
N GLY A 57 -30.87 1.78 -9.76
CA GLY A 57 -31.91 2.80 -9.60
C GLY A 57 -33.32 2.34 -9.93
N ASP A 58 -33.45 1.26 -10.71
CA ASP A 58 -34.74 0.61 -10.99
C ASP A 58 -35.08 -0.52 -10.00
N ASN A 59 -34.45 -0.53 -8.83
CA ASN A 59 -34.79 -1.47 -7.74
C ASN A 59 -34.69 -2.95 -8.12
N GLU A 60 -33.80 -3.27 -9.06
CA GLU A 60 -33.48 -4.64 -9.45
C GLU A 60 -32.24 -5.01 -8.64
N THR A 61 -32.37 -6.06 -7.83
CA THR A 61 -31.33 -6.45 -6.87
C THR A 61 -30.72 -7.78 -7.25
N ILE A 62 -29.39 -7.88 -7.11
CA ILE A 62 -28.68 -9.15 -7.18
C ILE A 62 -27.88 -9.35 -5.89
N THR A 63 -27.81 -10.59 -5.41
CA THR A 63 -26.96 -10.95 -4.28
C THR A 63 -25.75 -11.69 -4.81
N LEU A 64 -24.56 -11.16 -4.54
CA LEU A 64 -23.30 -11.76 -4.98
C LEU A 64 -22.69 -12.52 -3.81
N ALA A 65 -22.16 -13.71 -4.09
CA ALA A 65 -21.50 -14.54 -3.08
C ALA A 65 -20.00 -14.45 -3.26
N ILE A 66 -19.33 -13.82 -2.29
CA ILE A 66 -17.88 -13.60 -2.32
C ILE A 66 -17.21 -14.72 -1.54
N ASN A 67 -16.26 -15.40 -2.16
CA ASN A 67 -15.40 -16.33 -1.45
C ASN A 67 -14.51 -15.53 -0.53
N VAL A 68 -14.64 -15.75 0.78
CA VAL A 68 -13.86 -15.00 1.78
C VAL A 68 -12.37 -15.41 1.83
N GLU A 69 -12.01 -16.52 1.18
CA GLU A 69 -10.61 -16.94 1.12
C GLU A 69 -9.79 -16.11 0.13
N ASP A 70 -10.36 -15.76 -1.01
CA ASP A 70 -9.66 -14.99 -2.04
C ASP A 70 -10.34 -13.70 -2.52
N ALA A 71 -11.47 -13.33 -1.92
CA ALA A 71 -12.20 -12.11 -2.27
C ALA A 71 -12.56 -11.99 -3.76
N GLY A 72 -13.00 -13.11 -4.35
CA GLY A 72 -13.51 -13.17 -5.73
C GLY A 72 -14.91 -13.75 -5.72
N PHE A 73 -15.73 -13.37 -6.71
CA PHE A 73 -17.11 -13.85 -6.80
C PHE A 73 -17.17 -15.33 -7.20
N ALA A 74 -17.88 -16.13 -6.41
CA ALA A 74 -18.14 -17.54 -6.74
C ALA A 74 -19.48 -17.75 -7.46
N ALA A 75 -20.49 -16.95 -7.10
CA ALA A 75 -21.81 -17.03 -7.72
C ALA A 75 -22.63 -15.78 -7.43
N TYR A 76 -23.81 -15.70 -8.04
CA TYR A 76 -24.76 -14.65 -7.71
C TYR A 76 -26.21 -15.07 -7.91
N ARG A 77 -27.11 -14.53 -7.11
CA ARG A 77 -28.51 -14.90 -7.22
C ARG A 77 -29.41 -13.72 -7.56
N ALA A 78 -30.20 -13.87 -8.61
CA ALA A 78 -31.13 -12.85 -9.04
C ALA A 78 -32.51 -13.49 -8.99
N ALA A 79 -33.44 -12.88 -8.27
CA ALA A 79 -34.77 -13.45 -8.17
C ALA A 79 -34.63 -14.86 -7.61
N ASP A 80 -35.27 -15.83 -8.26
CA ASP A 80 -35.18 -17.22 -7.83
C ASP A 80 -34.08 -17.97 -8.57
N ARG A 81 -33.39 -17.29 -9.48
CA ARG A 81 -32.34 -17.90 -10.27
C ARG A 81 -30.98 -17.63 -9.65
N SER A 82 -30.02 -18.50 -9.93
CA SER A 82 -28.64 -18.31 -9.50
C SER A 82 -27.68 -18.89 -10.54
N TYR A 83 -26.47 -18.33 -10.56
CA TYR A 83 -25.48 -18.62 -11.59
C TYR A 83 -24.12 -18.79 -10.91
N PHE A 84 -23.44 -19.89 -11.24
CA PHE A 84 -22.16 -20.27 -10.63
C PHE A 84 -21.05 -20.30 -11.68
N PHE A 85 -19.89 -19.75 -11.33
CA PHE A 85 -18.71 -19.90 -12.18
C PHE A 85 -18.23 -21.33 -12.10
N GLN A 86 -17.83 -21.90 -13.23
CA GLN A 86 -17.44 -23.32 -13.26
C GLN A 86 -16.18 -23.68 -12.45
N ASN A 87 -15.43 -22.68 -11.96
CA ASN A 87 -14.36 -22.87 -10.97
C ASN A 87 -14.73 -22.45 -9.53
N ALA A 88 -16.00 -22.20 -9.27
CA ALA A 88 -16.48 -22.00 -7.90
C ALA A 88 -16.30 -23.33 -7.17
N PRO A 89 -16.10 -23.30 -5.84
CA PRO A 89 -15.87 -24.56 -5.12
C PRO A 89 -16.97 -25.60 -5.44
N PRO A 90 -16.59 -26.86 -5.72
CA PRO A 90 -17.57 -27.88 -6.16
C PRO A 90 -18.85 -28.01 -5.31
N ILE A 91 -18.73 -27.83 -3.99
CA ILE A 91 -19.83 -27.99 -3.04
C ILE A 91 -20.62 -26.70 -2.82
N ALA A 92 -20.16 -25.58 -3.41
CA ALA A 92 -20.83 -24.28 -3.26
C ALA A 92 -22.35 -24.30 -3.54
N SER A 93 -22.78 -25.14 -4.48
CA SER A 93 -24.22 -25.35 -4.77
C SER A 93 -25.07 -25.75 -3.56
N TYR A 94 -24.48 -26.50 -2.63
CA TYR A 94 -25.22 -27.02 -1.48
C TYR A 94 -25.25 -26.08 -0.26
N VAL A 95 -24.48 -25.00 -0.32
CA VAL A 95 -24.42 -24.04 0.76
C VAL A 95 -25.05 -22.68 0.45
N ILE A 96 -25.04 -22.23 -0.80
CA ILE A 96 -25.62 -20.93 -1.13
C ILE A 96 -26.60 -20.97 -2.29
N PHE A 97 -27.64 -20.14 -2.18
CA PHE A 97 -28.71 -20.03 -3.18
C PHE A 97 -29.37 -21.38 -3.40
N THR A 98 -29.60 -22.09 -2.32
CA THR A 98 -30.13 -23.44 -2.38
C THR A 98 -31.59 -23.41 -2.82
N ASP A 99 -32.29 -22.39 -2.37
CA ASP A 99 -33.70 -22.16 -2.74
C ASP A 99 -33.91 -21.48 -4.11
N THR A 100 -33.05 -21.80 -5.09
CA THR A 100 -33.10 -21.17 -6.41
C THR A 100 -32.95 -22.19 -7.53
N ASN A 101 -33.29 -21.75 -8.75
CA ASN A 101 -32.98 -22.50 -9.97
C ASN A 101 -31.51 -22.24 -10.32
N GLN A 102 -30.65 -23.21 -10.04
CA GLN A 102 -29.21 -23.05 -10.14
C GLN A 102 -28.70 -23.32 -11.56
N ASN A 103 -27.76 -22.50 -12.03
CA ASN A 103 -27.15 -22.63 -13.36
C ASN A 103 -25.65 -22.52 -13.26
N ILE A 104 -24.95 -23.08 -14.25
CA ILE A 104 -23.50 -22.98 -14.34
C ILE A 104 -23.15 -22.11 -15.54
N MET A 105 -22.36 -21.06 -15.29
CA MET A 105 -21.76 -20.24 -16.33
C MET A 105 -20.54 -21.00 -16.83
N ASN A 106 -20.29 -20.94 -18.15
CA ASN A 106 -19.28 -21.78 -18.81
C ASN A 106 -17.91 -21.11 -18.92
N PHE A 107 -17.51 -20.43 -17.86
CA PHE A 107 -16.23 -19.74 -17.75
C PHE A 107 -15.86 -19.50 -16.31
N ASN A 108 -14.59 -19.35 -16.03
CA ASN A 108 -14.12 -19.11 -14.69
C ASN A 108 -14.28 -17.69 -14.20
N ASN A 109 -14.13 -17.47 -12.92
CA ASN A 109 -14.25 -16.14 -12.35
C ASN A 109 -13.01 -15.23 -12.49
N THR A 110 -12.04 -15.65 -13.28
CA THR A 110 -10.81 -14.90 -13.51
C THR A 110 -11.03 -13.88 -14.62
N PHE A 111 -10.25 -12.79 -14.58
CA PHE A 111 -10.26 -11.79 -15.64
C PHE A 111 -9.90 -12.41 -16.99
N GLU A 112 -8.96 -13.36 -16.98
CA GLU A 112 -8.49 -14.01 -18.21
C GLU A 112 -9.62 -14.78 -18.88
N SER A 113 -10.27 -15.63 -18.11
CA SER A 113 -11.42 -16.42 -18.57
C SER A 113 -12.59 -15.53 -19.02
N ILE A 114 -12.87 -14.48 -18.25
CA ILE A 114 -13.99 -13.56 -18.55
C ILE A 114 -13.74 -12.76 -19.84
N GLU A 115 -12.52 -12.28 -20.03
CA GLU A 115 -12.15 -11.53 -21.23
C GLU A 115 -12.16 -12.39 -22.52
N ILE A 116 -11.69 -13.63 -22.41
CA ILE A 116 -11.68 -14.56 -23.55
C ILE A 116 -13.10 -14.83 -24.06
N VAL A 117 -14.01 -15.10 -23.14
CA VAL A 117 -15.40 -15.40 -23.49
C VAL A 117 -16.18 -14.13 -23.82
N GLY A 118 -15.95 -13.06 -23.07
CA GLY A 118 -16.57 -11.76 -23.35
C GLY A 118 -16.08 -11.07 -24.61
N GLY A 119 -14.89 -11.45 -25.09
CA GLY A 119 -14.29 -10.85 -26.29
C GLY A 119 -13.87 -9.40 -26.11
N THR A 120 -13.55 -9.02 -24.87
CA THR A 120 -13.26 -7.62 -24.51
C THR A 120 -12.39 -7.56 -23.25
N THR A 121 -11.40 -6.68 -23.25
CA THR A 121 -10.49 -6.52 -22.11
C THR A 121 -10.99 -5.47 -21.13
N ARG A 122 -10.39 -5.46 -19.94
CA ARG A 122 -10.67 -4.43 -18.94
C ARG A 122 -10.35 -3.01 -19.40
N SER A 123 -9.28 -2.85 -20.18
CA SER A 123 -8.88 -1.51 -20.67
C SER A 123 -9.84 -0.95 -21.75
N GLU A 124 -10.62 -1.82 -22.38
CA GLU A 124 -11.69 -1.41 -23.30
C GLU A 124 -13.07 -1.23 -22.61
N THR A 125 -13.17 -1.59 -21.32
CA THR A 125 -14.44 -1.64 -20.60
C THR A 125 -14.56 -0.46 -19.61
N PRO A 126 -15.37 0.57 -19.94
CA PRO A 126 -15.46 1.72 -19.03
C PRO A 126 -16.11 1.38 -17.67
N LEU A 127 -15.74 2.15 -16.66
CA LEU A 127 -16.21 1.97 -15.29
C LEU A 127 -16.77 3.29 -14.75
N GLY A 128 -17.85 3.20 -13.97
CA GLY A 128 -18.53 4.37 -13.43
C GLY A 128 -19.93 4.03 -12.94
N ILE A 129 -20.75 5.06 -12.70
CA ILE A 129 -22.10 4.91 -12.13
C ILE A 129 -23.03 4.21 -13.11
N MET A 130 -23.08 4.72 -14.34
CA MET A 130 -23.92 4.17 -15.42
C MET A 130 -23.62 2.70 -15.70
N HIS A 131 -22.35 2.33 -15.61
CA HIS A 131 -21.91 0.96 -15.95
C HIS A 131 -22.16 -0.01 -14.79
N PHE A 132 -22.01 0.49 -13.57
CA PHE A 132 -22.46 -0.22 -12.36
C PHE A 132 -23.95 -0.57 -12.44
N GLU A 133 -24.77 0.39 -12.88
CA GLU A 133 -26.22 0.22 -13.02
C GLU A 133 -26.57 -0.83 -14.07
N ALA A 134 -25.99 -0.66 -15.25
CA ALA A 134 -26.18 -1.60 -16.37
C ALA A 134 -25.76 -3.02 -16.02
N SER A 135 -24.63 -3.14 -15.32
CA SER A 135 -24.12 -4.44 -14.88
C SER A 135 -25.09 -5.19 -13.97
N ILE A 136 -25.70 -4.48 -13.01
CA ILE A 136 -26.70 -5.06 -12.12
C ILE A 136 -27.90 -5.56 -12.93
N PHE A 137 -28.37 -4.73 -13.86
CA PHE A 137 -29.48 -5.08 -14.76
C PHE A 137 -29.18 -6.31 -15.63
N HIS A 138 -28.04 -6.27 -16.33
CA HIS A 138 -27.67 -7.35 -17.24
C HIS A 138 -27.44 -8.69 -16.53
N LEU A 139 -26.89 -8.63 -15.31
CA LEU A 139 -26.77 -9.82 -14.47
C LEU A 139 -28.12 -10.30 -13.93
N PHE A 140 -28.99 -9.37 -13.51
CA PHE A 140 -30.33 -9.69 -13.01
C PHE A 140 -31.17 -10.43 -14.05
N VAL A 141 -31.17 -9.91 -15.28
CA VAL A 141 -31.85 -10.54 -16.42
C VAL A 141 -31.01 -11.69 -17.00
N HIS A 142 -29.70 -11.64 -16.78
CA HIS A 142 -28.73 -12.62 -17.29
C HIS A 142 -28.68 -12.66 -18.82
N ASP A 143 -28.56 -11.47 -19.41
CA ASP A 143 -28.35 -11.32 -20.83
C ASP A 143 -26.92 -11.81 -21.10
N GLU A 144 -26.82 -12.99 -21.73
CA GLU A 144 -25.53 -13.68 -21.95
C GLU A 144 -24.52 -12.84 -22.73
N ASN A 145 -25.02 -11.97 -23.62
CA ASN A 145 -24.19 -11.02 -24.37
C ASN A 145 -23.39 -10.08 -23.46
N TYR A 146 -24.00 -9.64 -22.35
CA TYR A 146 -23.41 -8.67 -21.44
C TYR A 146 -22.95 -9.21 -20.08
N VAL A 147 -23.18 -10.50 -19.80
CA VAL A 147 -22.74 -11.11 -18.53
C VAL A 147 -21.23 -11.01 -18.32
N PRO A 148 -20.41 -11.32 -19.34
CA PRO A 148 -18.95 -11.18 -19.14
C PRO A 148 -18.51 -9.76 -18.78
N THR A 149 -18.94 -8.77 -19.56
CA THR A 149 -18.54 -7.37 -19.32
C THR A 149 -19.06 -6.82 -17.98
N SER A 150 -20.30 -7.20 -17.63
CA SER A 150 -20.91 -6.83 -16.35
C SER A 150 -20.11 -7.30 -15.14
N PHE A 151 -19.53 -8.49 -15.23
CA PHE A 151 -18.63 -8.97 -14.18
C PHE A 151 -17.30 -8.22 -14.16
N LEU A 152 -16.74 -7.90 -15.32
CA LEU A 152 -15.54 -7.05 -15.37
C LEU A 152 -15.79 -5.73 -14.65
N VAL A 153 -16.98 -5.17 -14.83
CA VAL A 153 -17.35 -3.91 -14.19
C VAL A 153 -17.45 -4.05 -12.68
N LEU A 154 -18.22 -5.04 -12.22
CA LEU A 154 -18.52 -5.19 -10.80
C LEU A 154 -17.41 -5.86 -9.99
N ILE A 155 -16.68 -6.80 -10.56
CA ILE A 155 -15.50 -7.36 -9.91
C ILE A 155 -14.53 -6.23 -9.55
N GLN A 156 -14.25 -5.35 -10.50
CA GLN A 156 -13.34 -4.22 -10.30
C GLN A 156 -13.90 -3.18 -9.33
N MET A 157 -15.14 -2.76 -9.57
CA MET A 157 -15.76 -1.70 -8.78
C MET A 157 -16.09 -2.08 -7.33
N VAL A 158 -16.22 -3.37 -7.04
CA VAL A 158 -16.51 -3.86 -5.69
C VAL A 158 -15.31 -4.53 -5.04
N LEU A 159 -14.78 -5.58 -5.67
CA LEU A 159 -13.80 -6.47 -5.05
C LEU A 159 -12.37 -5.94 -5.14
N GLU A 160 -11.96 -5.52 -6.33
CA GLU A 160 -10.63 -4.95 -6.53
C GLU A 160 -10.52 -3.60 -5.80
N ALA A 161 -11.61 -2.85 -5.79
CA ALA A 161 -11.75 -1.67 -4.94
C ALA A 161 -11.51 -1.99 -3.46
N ALA A 162 -12.10 -3.09 -2.99
CA ALA A 162 -11.86 -3.57 -1.63
C ALA A 162 -10.39 -3.96 -1.43
N LYS A 163 -9.82 -4.66 -2.41
CA LYS A 163 -8.42 -5.09 -2.36
C LYS A 163 -7.41 -3.94 -2.32
N PHE A 164 -7.69 -2.86 -3.06
CA PHE A 164 -6.75 -1.75 -3.21
C PHE A 164 -7.41 -0.37 -3.05
N LYS A 165 -6.97 0.37 -2.03
CA LYS A 165 -7.44 1.75 -1.80
C LYS A 165 -7.23 2.70 -2.97
N PHE A 166 -6.20 2.46 -3.78
CA PHE A 166 -6.00 3.21 -5.02
C PHE A 166 -7.17 3.00 -5.98
N ILE A 167 -7.60 1.75 -6.15
CA ILE A 167 -8.71 1.43 -7.04
C ILE A 167 -10.00 2.03 -6.47
N GLU A 168 -10.24 1.81 -5.18
CA GLU A 168 -11.31 2.51 -4.45
C GLU A 168 -11.35 4.00 -4.75
N GLN A 169 -10.18 4.63 -4.77
CA GLN A 169 -10.06 6.06 -5.06
C GLN A 169 -10.43 6.44 -6.51
N LYS A 170 -10.07 5.58 -7.46
CA LYS A 170 -10.47 5.74 -8.87
C LYS A 170 -11.99 5.68 -9.02
N VAL A 171 -12.63 4.77 -8.29
CA VAL A 171 -14.09 4.67 -8.29
C VAL A 171 -14.75 5.85 -7.53
N ILE A 172 -14.11 6.30 -6.45
CA ILE A 172 -14.58 7.51 -5.73
C ILE A 172 -14.55 8.75 -6.63
N HIS A 173 -13.47 8.92 -7.38
CA HIS A 173 -13.35 10.04 -8.32
C HIS A 173 -14.40 9.98 -9.42
N SER A 174 -14.65 8.77 -9.93
CA SER A 174 -15.66 8.55 -10.96
C SER A 174 -17.09 8.81 -10.49
N ILE A 175 -17.38 8.45 -9.24
CA ILE A 175 -18.69 8.73 -8.62
C ILE A 175 -18.84 10.21 -8.32
N MET A 176 -17.85 10.79 -7.65
CA MET A 176 -17.83 12.20 -7.29
C MET A 176 -17.94 13.13 -8.50
N ASP A 177 -17.09 12.89 -9.49
CA ASP A 177 -17.04 13.73 -10.70
C ASP A 177 -18.11 13.39 -11.74
N MET A 178 -18.80 12.25 -11.58
CA MET A 178 -19.72 11.70 -12.60
C MET A 178 -18.97 11.57 -13.94
N GLU A 179 -17.79 10.97 -13.85
CA GLU A 179 -16.83 10.85 -14.95
C GLU A 179 -16.44 9.39 -15.07
N ASP A 180 -16.83 8.74 -16.16
CA ASP A 180 -16.44 7.35 -16.40
C ASP A 180 -14.96 7.26 -16.74
N PHE A 181 -14.36 6.10 -16.45
CA PHE A 181 -12.94 5.85 -16.77
C PHE A 181 -12.72 4.39 -17.16
N THR A 182 -11.77 4.17 -18.08
CA THR A 182 -11.21 2.85 -18.31
C THR A 182 -9.92 2.74 -17.50
N PRO A 183 -9.68 1.59 -16.82
CA PRO A 183 -8.45 1.44 -16.05
C PRO A 183 -7.19 1.41 -16.93
N GLY A 184 -6.13 2.02 -16.42
CA GLY A 184 -4.83 2.03 -17.08
C GLY A 184 -3.87 1.06 -16.41
N LEU A 185 -2.58 1.25 -16.66
CA LEU A 185 -1.56 0.33 -16.16
C LEU A 185 -1.46 0.32 -14.64
N ALA A 186 -1.68 1.48 -14.00
CA ALA A 186 -1.68 1.56 -12.55
C ALA A 186 -2.70 0.64 -11.90
N MET A 187 -3.97 0.76 -12.34
CA MET A 187 -5.05 -0.08 -11.80
C MET A 187 -4.89 -1.55 -12.19
N LEU A 188 -4.54 -1.81 -13.45
CA LEU A 188 -4.39 -3.19 -13.93
C LEU A 188 -3.23 -3.92 -13.25
N SER A 189 -2.10 -3.23 -13.04
CA SER A 189 -0.92 -3.84 -12.43
C SER A 189 -1.14 -4.27 -10.98
N LEU A 190 -1.97 -3.51 -10.25
CA LEU A 190 -2.44 -3.92 -8.92
C LEU A 190 -3.26 -5.21 -8.99
N GLU A 191 -4.23 -5.25 -9.89
CA GLU A 191 -5.09 -6.43 -10.09
C GLU A 191 -4.28 -7.67 -10.48
N GLU A 192 -3.36 -7.50 -11.43
CA GLU A 192 -2.45 -8.55 -11.89
C GLU A 192 -1.64 -9.16 -10.75
N ASN A 193 -1.20 -8.31 -9.82
CA ASN A 193 -0.24 -8.70 -8.77
C ASN A 193 -0.77 -8.82 -7.34
N TRP A 194 -2.08 -8.82 -7.14
CA TRP A 194 -2.62 -9.00 -5.78
C TRP A 194 -2.14 -10.30 -5.12
N THR A 195 -2.12 -11.38 -5.89
CA THR A 195 -1.69 -12.70 -5.42
C THR A 195 -0.16 -12.77 -5.25
N GLN A 196 0.57 -12.20 -6.20
CA GLN A 196 2.03 -12.16 -6.13
C GLN A 196 2.49 -11.28 -4.96
N LEU A 197 1.89 -10.10 -4.81
CA LEU A 197 2.20 -9.21 -3.67
C LEU A 197 1.94 -9.88 -2.33
N SER A 198 0.82 -10.61 -2.22
CA SER A 198 0.50 -11.39 -1.02
C SER A 198 1.61 -12.39 -0.67
N LEU A 199 2.06 -13.15 -1.66
CA LEU A 199 3.14 -14.15 -1.50
C LEU A 199 4.42 -13.52 -0.99
N GLN A 200 4.86 -12.48 -1.71
CA GLN A 200 6.13 -11.82 -1.44
C GLN A 200 6.13 -11.10 -0.09
N LEU A 201 5.02 -10.45 0.22
CA LEU A 201 4.87 -9.74 1.48
C LEU A 201 4.92 -10.70 2.69
N GLN A 202 4.34 -11.89 2.54
CA GLN A 202 4.40 -12.91 3.60
C GLN A 202 5.74 -13.65 3.61
N ALA A 203 6.31 -13.86 2.43
CA ALA A 203 7.68 -14.37 2.30
C ALA A 203 8.72 -13.45 2.94
N SER A 204 8.47 -12.14 2.90
CA SER A 204 9.38 -11.13 3.43
C SER A 204 9.56 -11.13 4.96
N GLU A 205 8.70 -11.86 5.68
CA GLU A 205 8.90 -12.14 7.10
C GLU A 205 10.28 -12.76 7.35
N SER A 206 10.72 -13.59 6.41
CA SER A 206 12.03 -14.25 6.45
C SER A 206 13.21 -13.29 6.28
N LEU A 207 13.09 -12.33 5.34
CA LEU A 207 14.21 -11.48 4.92
C LEU A 207 14.06 -9.99 5.30
N ASN A 208 13.70 -9.70 6.54
CA ASN A 208 13.64 -8.29 7.02
C ASN A 208 12.74 -7.35 6.18
N GLY A 209 11.61 -7.88 5.69
CA GLY A 209 10.68 -7.09 4.88
C GLY A 209 11.04 -6.92 3.41
N VAL A 210 11.97 -7.75 2.92
CA VAL A 210 12.43 -7.69 1.53
C VAL A 210 11.88 -8.91 0.80
N PHE A 211 11.46 -8.69 -0.44
CA PHE A 211 10.73 -9.71 -1.21
C PHE A 211 11.68 -10.69 -1.86
N GLY A 212 11.18 -11.89 -2.16
CA GLY A 212 11.92 -12.86 -2.95
C GLY A 212 12.07 -12.42 -4.39
N ASP A 213 11.04 -11.73 -4.90
CA ASP A 213 11.00 -11.27 -6.28
C ASP A 213 10.41 -9.86 -6.32
N SER A 214 10.77 -9.10 -7.35
CA SER A 214 10.25 -7.74 -7.53
C SER A 214 8.89 -7.77 -8.21
N VAL A 215 8.06 -6.77 -7.88
CA VAL A 215 6.74 -6.57 -8.46
C VAL A 215 6.65 -5.18 -9.06
N SER A 216 6.36 -5.11 -10.36
CA SER A 216 6.27 -3.82 -11.06
C SER A 216 4.86 -3.25 -11.02
N LEU A 217 4.66 -2.26 -10.16
CA LEU A 217 3.41 -1.51 -10.10
C LEU A 217 3.58 -0.20 -10.87
N TYR A 218 2.65 0.07 -11.79
CA TYR A 218 2.68 1.30 -12.56
C TYR A 218 1.99 2.45 -11.82
N ASN A 219 2.39 3.67 -12.14
CA ASN A 219 1.72 4.86 -11.62
C ASN A 219 0.90 5.54 -12.73
N SER A 220 0.21 6.62 -12.39
CA SER A 220 -0.69 7.30 -13.34
C SER A 220 0.01 7.90 -14.56
N MET A 221 1.33 8.08 -14.48
CA MET A 221 2.16 8.49 -15.62
C MET A 221 2.70 7.32 -16.46
N ASP A 222 2.19 6.10 -16.23
CA ASP A 222 2.63 4.87 -16.90
C ASP A 222 4.11 4.51 -16.65
N GLU A 223 4.66 4.98 -15.53
CA GLU A 223 6.05 4.72 -15.14
C GLU A 223 6.05 3.50 -14.23
N PRO A 224 6.84 2.46 -14.56
CA PRO A 224 6.86 1.29 -13.69
C PRO A 224 7.70 1.50 -12.44
N ILE A 225 7.05 1.40 -11.28
CA ILE A 225 7.75 1.41 -9.99
C ILE A 225 7.91 -0.04 -9.54
N GLY A 226 9.15 -0.41 -9.22
CA GLY A 226 9.50 -1.76 -8.78
C GLY A 226 9.38 -1.90 -7.27
N VAL A 227 8.41 -2.69 -6.83
CA VAL A 227 8.21 -2.95 -5.40
C VAL A 227 8.83 -4.31 -5.06
N ASP A 228 10.04 -4.26 -4.49
CA ASP A 228 10.73 -5.46 -3.99
C ASP A 228 10.82 -5.53 -2.46
N SER A 229 9.98 -4.74 -1.78
CA SER A 229 9.93 -4.74 -0.33
C SER A 229 8.62 -4.18 0.20
N MET A 230 8.40 -4.33 1.50
CA MET A 230 7.26 -3.71 2.19
C MET A 230 7.40 -2.20 2.46
N TYR A 231 8.53 -1.61 2.04
CA TYR A 231 8.84 -0.21 2.35
C TYR A 231 8.49 0.76 1.21
N TYR A 232 7.35 0.54 0.58
CA TYR A 232 6.80 1.40 -0.45
C TYR A 232 5.39 1.80 0.00
N PRO A 233 5.13 3.10 0.19
CA PRO A 233 3.77 3.49 0.57
C PRO A 233 2.68 3.15 -0.46
N ILE A 234 3.06 3.06 -1.74
CA ILE A 234 2.11 2.65 -2.79
C ILE A 234 1.61 1.20 -2.68
N LEU A 235 2.34 0.36 -1.95
CA LEU A 235 1.86 -0.98 -1.59
C LEU A 235 1.24 -0.95 -0.21
N THR A 236 2.05 -0.57 0.78
CA THR A 236 1.68 -0.59 2.18
C THR A 236 0.45 0.24 2.53
N ALA A 237 0.29 1.40 1.92
CA ALA A 237 -0.86 2.24 2.19
C ALA A 237 -1.93 2.07 1.12
N ASN A 238 -1.79 1.04 0.30
CA ASN A 238 -2.73 0.75 -0.78
C ASN A 238 -3.52 -0.55 -0.64
N MET A 239 -2.81 -1.66 -0.50
CA MET A 239 -3.41 -2.98 -0.39
C MET A 239 -4.09 -3.10 0.96
N ALA A 240 -5.36 -3.47 0.94
CA ALA A 240 -6.15 -3.57 2.16
C ALA A 240 -6.09 -4.95 2.84
N PHE A 241 -5.85 -6.00 2.07
CA PHE A 241 -5.73 -7.35 2.60
C PHE A 241 -5.05 -8.29 1.60
N GLN A 242 -4.63 -9.47 2.08
CA GLN A 242 -3.85 -10.42 1.29
C GLN A 242 -4.52 -11.78 1.18
N LEU A 243 -4.22 -12.48 0.08
CA LEU A 243 -4.44 -13.91 -0.03
C LEU A 243 -3.51 -14.63 0.94
N TYR A 244 -4.00 -15.64 1.64
CA TYR A 244 -3.15 -16.50 2.45
C TYR A 244 -2.21 -17.26 1.53
N GLN A 245 -0.91 -17.12 1.77
CA GLN A 245 0.13 -17.75 0.97
C GLN A 245 1.12 -18.58 1.79
N CYS A 246 1.56 -18.06 2.93
CA CYS A 246 2.59 -18.71 3.74
C CYS A 246 2.17 -18.86 5.21
N PRO A 247 2.55 -19.98 5.85
CA PRO A 247 2.37 -20.14 7.30
C PRO A 247 3.44 -19.36 8.07
N ASN B 1 5.46 -24.83 -0.41
CA ASN B 1 5.93 -23.70 -1.26
C ASN B 1 7.31 -23.23 -0.82
N GLU B 2 8.31 -23.44 -1.68
CA GLU B 2 9.69 -23.01 -1.39
C GLU B 2 9.88 -21.49 -1.55
N GLN B 3 8.97 -20.82 -2.26
CA GLN B 3 9.00 -19.36 -2.41
C GLN B 3 8.60 -18.58 -1.14
N CYS B 4 7.99 -19.26 -0.18
CA CYS B 4 7.77 -18.68 1.16
C CYS B 4 9.06 -18.52 1.97
N SER B 5 10.09 -19.31 1.65
CA SER B 5 11.42 -19.21 2.26
C SER B 5 12.47 -18.89 1.18
N PRO B 6 12.50 -17.63 0.72
CA PRO B 6 13.54 -17.23 -0.24
C PRO B 6 14.88 -17.09 0.48
N GLN B 7 15.92 -17.70 -0.08
CA GLN B 7 17.22 -17.79 0.60
C GLN B 7 18.06 -16.51 0.55
N GLN B 8 17.77 -15.61 -0.40
CA GLN B 8 18.42 -14.29 -0.47
C GLN B 8 17.76 -13.34 -1.46
N ARG B 9 17.89 -12.03 -1.22
CA ARG B 9 17.52 -10.99 -2.20
C ARG B 9 18.52 -9.84 -2.20
N THR B 10 19.07 -9.53 -3.37
CA THR B 10 19.98 -8.38 -3.56
C THR B 10 19.15 -7.15 -3.93
N THR B 11 19.25 -6.10 -3.11
CA THR B 11 18.53 -4.84 -3.33
C THR B 11 19.45 -3.65 -2.97
N ARG B 12 18.92 -2.43 -3.11
CA ARG B 12 19.60 -1.22 -2.63
C ARG B 12 18.90 -0.68 -1.38
N ILE B 13 19.58 0.25 -0.70
CA ILE B 13 19.06 0.91 0.50
C ILE B 13 19.25 2.41 0.34
N SER B 14 18.17 3.17 0.28
CA SER B 14 18.24 4.62 0.12
C SER B 14 17.55 5.39 1.24
N GLY B 15 18.23 6.40 1.78
CA GLY B 15 17.67 7.19 2.86
C GLY B 15 17.61 8.70 2.70
N ARG B 16 18.23 9.39 3.65
CA ARG B 16 18.28 10.86 3.72
C ARG B 16 18.54 11.49 2.35
N ASP B 17 17.66 12.41 1.97
CA ASP B 17 17.70 13.11 0.66
C ASP B 17 17.75 12.19 -0.58
N GLY B 18 17.28 10.95 -0.44
CA GLY B 18 17.30 9.99 -1.54
C GLY B 18 18.64 9.42 -1.92
N LEU B 19 19.63 9.54 -1.03
CA LEU B 19 20.98 9.02 -1.27
C LEU B 19 21.10 7.60 -0.71
N CYS B 20 21.97 6.80 -1.32
CA CYS B 20 22.06 5.37 -1.03
C CYS B 20 23.14 5.00 -0.02
N VAL B 21 22.92 3.88 0.67
CA VAL B 21 23.89 3.31 1.59
C VAL B 21 25.02 2.67 0.75
N ASP B 22 26.25 3.10 1.02
CA ASP B 22 27.38 2.90 0.12
C ASP B 22 28.62 2.56 0.95
N VAL B 23 29.30 1.47 0.62
CA VAL B 23 30.56 1.12 1.26
C VAL B 23 31.64 2.03 0.66
N TYR B 24 32.16 2.96 1.47
CA TYR B 24 33.15 3.96 1.01
C TYR B 24 34.28 3.30 0.23
N GLY B 25 34.41 3.68 -1.04
CA GLY B 25 35.49 3.22 -1.91
C GLY B 25 35.42 1.77 -2.38
N ALA B 26 34.32 1.07 -2.07
CA ALA B 26 34.20 -0.38 -2.29
C ALA B 26 35.36 -1.19 -1.67
N LEU B 27 35.71 -0.84 -0.43
CA LEU B 27 36.87 -1.44 0.24
C LEU B 27 36.51 -2.80 0.87
N THR B 28 37.38 -3.79 0.65
CA THR B 28 37.15 -5.17 1.07
C THR B 28 37.30 -5.37 2.57
N ALA B 29 38.34 -4.75 3.16
CA ALA B 29 38.83 -5.11 4.49
C ALA B 29 37.85 -4.83 5.63
N ASP B 30 38.09 -5.52 6.76
CA ASP B 30 37.23 -5.41 7.94
C ASP B 30 37.26 -4.00 8.51
N GLY B 31 36.09 -3.51 8.92
CA GLY B 31 35.94 -2.14 9.38
C GLY B 31 35.82 -1.10 8.28
N SER B 32 35.76 -1.52 7.01
CA SER B 32 35.55 -0.59 5.89
C SER B 32 34.26 0.18 6.09
N ARG B 33 34.34 1.50 5.92
CA ARG B 33 33.30 2.43 6.36
C ARG B 33 32.13 2.46 5.38
N VAL B 34 30.94 2.78 5.90
CA VAL B 34 29.71 2.84 5.10
C VAL B 34 29.13 4.25 5.15
N ILE B 35 28.81 4.80 3.98
CA ILE B 35 28.52 6.22 3.80
C ILE B 35 27.21 6.49 3.04
N LEU B 36 26.78 7.74 3.11
CA LEU B 36 25.68 8.27 2.32
C LEU B 36 26.29 8.74 0.99
N TYR B 37 25.83 8.18 -0.12
CA TYR B 37 26.39 8.50 -1.45
C TYR B 37 25.28 8.52 -2.53
N PRO B 38 25.42 9.38 -3.58
CA PRO B 38 24.45 9.38 -4.68
C PRO B 38 24.23 8.00 -5.28
N CYS B 39 22.96 7.65 -5.50
CA CYS B 39 22.58 6.28 -5.88
C CYS B 39 23.07 5.91 -7.27
N GLY B 40 23.54 4.67 -7.41
CA GLY B 40 23.98 4.15 -8.70
C GLY B 40 24.00 2.63 -8.75
N GLN B 41 24.52 2.11 -9.85
CA GLN B 41 24.43 0.67 -10.15
C GLN B 41 25.64 -0.12 -9.62
N GLN B 42 26.61 0.56 -9.01
CA GLN B 42 27.85 -0.07 -8.52
C GLN B 42 27.62 -1.21 -7.51
N GLN B 43 28.59 -2.12 -7.45
CA GLN B 43 28.52 -3.32 -6.60
C GLN B 43 28.46 -3.02 -5.11
N ASN B 44 29.17 -1.99 -4.68
CA ASN B 44 29.22 -1.58 -3.26
C ASN B 44 28.02 -0.75 -2.76
N GLN B 45 26.98 -0.62 -3.59
CA GLN B 45 25.62 -0.22 -3.12
C GLN B 45 24.60 -1.36 -3.19
N GLN B 46 25.01 -2.53 -3.71
CA GLN B 46 24.15 -3.72 -3.76
C GLN B 46 24.18 -4.41 -2.39
N TRP B 47 23.00 -4.62 -1.80
CA TRP B 47 22.88 -5.20 -0.46
C TRP B 47 22.01 -6.46 -0.47
N THR B 48 22.62 -7.60 -0.14
CA THR B 48 21.92 -8.88 -0.13
C THR B 48 21.48 -9.25 1.27
N PHE B 49 20.16 -9.40 1.43
CA PHE B 49 19.52 -9.79 2.70
C PHE B 49 19.39 -11.30 2.78
N TYR B 50 19.50 -11.84 3.99
CA TYR B 50 19.50 -13.29 4.22
C TYR B 50 18.60 -13.67 5.41
N PRO B 51 18.19 -14.94 5.50
CA PRO B 51 17.40 -15.43 6.65
C PRO B 51 18.09 -15.33 8.02
N ASP B 52 19.43 -15.28 8.05
CA ASP B 52 20.17 -15.13 9.31
C ASP B 52 20.31 -13.67 9.81
N ASN B 53 19.48 -12.78 9.27
CA ASN B 53 19.42 -11.36 9.66
C ASN B 53 20.71 -10.55 9.41
N THR B 54 21.46 -10.95 8.38
CA THR B 54 22.61 -10.19 7.90
C THR B 54 22.25 -9.42 6.64
N ILE B 55 22.99 -8.33 6.40
CA ILE B 55 22.81 -7.48 5.22
C ILE B 55 24.22 -7.30 4.64
N ARG B 56 24.42 -7.76 3.40
CA ARG B 56 25.76 -8.00 2.87
C ARG B 56 26.07 -7.28 1.54
N SER B 57 27.24 -6.65 1.48
CA SER B 57 27.81 -6.14 0.23
C SER B 57 29.28 -6.53 0.15
N LEU B 58 29.74 -6.84 -1.06
CA LEU B 58 31.10 -7.33 -1.32
C LEU B 58 31.43 -8.65 -0.59
N GLY B 59 30.39 -9.45 -0.31
CA GLY B 59 30.53 -10.68 0.46
C GLY B 59 30.84 -10.50 1.95
N LYS B 60 30.49 -9.36 2.52
CA LYS B 60 30.75 -9.09 3.93
C LYS B 60 29.56 -8.38 4.56
N CYS B 61 29.34 -8.65 5.84
CA CYS B 61 28.21 -8.08 6.58
C CYS B 61 28.31 -6.67 7.16
N LEU B 62 27.19 -5.96 7.05
CA LEU B 62 26.98 -4.65 7.59
C LEU B 62 26.89 -4.84 9.06
N ALA B 63 27.52 -3.96 9.80
CA ALA B 63 27.56 -4.05 11.27
C ALA B 63 27.91 -2.72 11.96
N THR B 64 27.34 -2.51 13.14
CA THR B 64 27.67 -1.37 13.97
C THR B 64 29.06 -1.56 14.57
N SER B 65 29.79 -0.47 14.80
CA SER B 65 31.20 -0.53 15.20
C SER B 65 31.42 -0.72 16.71
N ALA B 66 30.60 -0.04 17.51
CA ALA B 66 30.71 -0.07 18.97
C ALA B 66 29.38 -0.41 19.63
N LEU B 67 29.45 -0.64 20.94
CA LEU B 67 28.26 -0.94 21.75
C LEU B 67 27.47 0.33 22.05
N SER B 68 28.16 1.40 22.43
CA SER B 68 27.53 2.69 22.72
C SER B 68 27.27 3.48 21.43
N SER B 69 26.50 4.55 21.55
CA SER B 69 26.13 5.39 20.41
C SER B 69 27.30 6.23 19.90
N GLY B 70 27.20 6.67 18.64
CA GLY B 70 28.15 7.62 18.06
C GLY B 70 29.04 7.06 16.97
N SER B 71 29.48 5.81 17.11
CA SER B 71 30.47 5.24 16.19
C SER B 71 29.89 4.90 14.81
N ASN B 72 30.80 4.67 13.85
CA ASN B 72 30.41 4.38 12.48
C ASN B 72 29.70 3.04 12.30
N VAL B 73 29.20 2.83 11.09
CA VAL B 73 28.71 1.54 10.63
C VAL B 73 29.68 1.06 9.56
N VAL B 74 30.02 -0.23 9.62
CA VAL B 74 31.06 -0.80 8.76
C VAL B 74 30.67 -2.17 8.23
N ILE B 75 31.28 -2.57 7.12
CA ILE B 75 31.25 -3.98 6.70
C ILE B 75 32.41 -4.75 7.33
N THR B 76 32.17 -6.01 7.66
CA THR B 76 33.17 -6.85 8.28
C THR B 76 32.94 -8.28 7.86
N ASN B 77 33.91 -9.15 8.15
CA ASN B 77 33.74 -10.54 7.77
C ASN B 77 32.53 -11.11 8.47
N CYS B 78 31.71 -11.85 7.73
CA CYS B 78 30.50 -12.43 8.26
C CYS B 78 30.73 -13.43 9.39
N ASP B 79 31.79 -14.23 9.27
CA ASP B 79 32.06 -15.26 10.25
C ASP B 79 32.10 -14.60 11.62
N TYR B 80 32.63 -13.38 11.69
CA TYR B 80 32.58 -12.60 12.93
C TYR B 80 31.17 -12.52 13.52
N LEU B 81 30.15 -12.48 12.66
CA LEU B 81 28.74 -12.31 13.06
C LEU B 81 27.83 -13.49 12.67
N ARG B 82 28.29 -14.72 12.89
CA ARG B 82 27.42 -15.91 12.66
C ARG B 82 26.61 -16.31 13.89
N TYR B 83 27.09 -15.95 15.08
CA TYR B 83 26.35 -16.16 16.34
C TYR B 83 25.94 -14.82 16.95
N ASP B 84 25.44 -13.93 16.07
CA ASP B 84 24.87 -12.65 16.44
C ASP B 84 23.51 -12.57 15.76
N ASP B 85 22.52 -12.01 16.46
CA ASP B 85 21.13 -12.00 15.96
C ASP B 85 20.88 -10.93 14.89
N GLY B 86 21.80 -9.99 14.72
CA GLY B 86 21.86 -9.15 13.53
C GLY B 86 20.93 -7.95 13.56
N TRP B 87 20.44 -7.57 12.38
CA TRP B 87 19.55 -6.42 12.21
C TRP B 87 18.08 -6.84 12.21
N MET B 88 17.22 -6.02 12.85
CA MET B 88 15.78 -6.04 12.58
C MET B 88 15.37 -4.70 12.00
N VAL B 89 14.67 -4.75 10.87
CA VAL B 89 14.16 -3.55 10.20
C VAL B 89 12.69 -3.43 10.58
N SER B 90 12.35 -2.33 11.25
CA SER B 90 10.98 -2.13 11.72
C SER B 90 10.07 -1.73 10.57
N SER B 91 8.77 -1.85 10.82
CA SER B 91 7.72 -1.47 9.87
C SER B 91 7.90 -0.11 9.18
N SER B 92 8.45 0.86 9.92
CA SER B 92 8.67 2.23 9.43
C SER B 92 9.92 2.43 8.55
N GLY B 93 10.84 1.47 8.57
CA GLY B 93 12.15 1.61 7.92
C GLY B 93 13.29 1.97 8.88
N THR B 94 13.10 1.67 10.16
CA THR B 94 14.15 1.87 11.16
C THR B 94 14.96 0.58 11.22
N MET B 95 16.22 0.66 10.79
CA MET B 95 17.13 -0.49 10.77
C MET B 95 17.90 -0.51 12.08
N MET B 96 17.63 -1.51 12.92
CA MET B 96 18.12 -1.57 14.30
C MET B 96 19.00 -2.80 14.54
N ASN B 97 20.08 -2.61 15.31
CA ASN B 97 20.88 -3.70 15.85
C ASN B 97 20.08 -4.37 16.97
N LYS B 98 19.88 -5.68 16.89
CA LYS B 98 19.02 -6.41 17.85
C LYS B 98 19.47 -6.27 19.31
N SER B 99 20.69 -6.71 19.59
CA SER B 99 21.23 -6.74 20.96
C SER B 99 21.53 -5.35 21.54
N SER B 100 21.98 -4.44 20.68
CA SER B 100 22.36 -3.09 21.11
C SER B 100 21.22 -2.07 21.08
N HIS B 101 20.24 -2.29 20.19
CA HIS B 101 19.14 -1.35 19.90
C HIS B 101 19.56 -0.07 19.16
N LEU B 102 20.82 0.04 18.75
CA LEU B 102 21.30 1.19 17.96
C LEU B 102 20.75 1.09 16.55
N VAL B 103 20.51 2.24 15.93
CA VAL B 103 19.87 2.32 14.61
C VAL B 103 20.72 3.06 13.58
N LEU B 104 20.56 2.68 12.32
CA LEU B 104 21.31 3.26 11.21
C LEU B 104 20.86 4.70 11.01
N THR B 105 21.82 5.62 10.96
CA THR B 105 21.55 7.05 11.02
C THR B 105 22.50 7.82 10.12
N ALA B 106 22.01 8.94 9.57
CA ALA B 106 22.82 9.87 8.78
C ALA B 106 22.75 11.26 9.41
N ASN B 107 23.78 11.62 10.19
CA ASN B 107 23.81 12.89 10.93
C ASN B 107 23.96 14.16 10.05
N ALA B 108 24.29 13.96 8.77
CA ALA B 108 24.27 15.04 7.77
C ALA B 108 23.80 14.49 6.43
N ALA B 109 23.34 15.40 5.57
CA ALA B 109 22.81 15.05 4.24
C ALA B 109 23.88 15.01 3.12
N THR B 110 25.12 15.39 3.44
CA THR B 110 26.19 15.55 2.46
C THR B 110 26.68 14.22 1.88
N SER B 111 27.07 14.24 0.61
CA SER B 111 27.70 13.08 -0.02
C SER B 111 28.95 12.67 0.77
N ARG B 112 29.09 11.36 0.99
CA ARG B 112 30.18 10.77 1.79
C ARG B 112 30.11 11.12 3.29
N THR B 113 28.92 11.43 3.79
CA THR B 113 28.67 11.50 5.22
C THR B 113 28.75 10.08 5.79
N ASN B 114 29.43 9.93 6.92
CA ASN B 114 29.58 8.64 7.59
C ASN B 114 28.28 8.21 8.24
N LEU B 115 27.75 7.06 7.83
CA LEU B 115 26.61 6.46 8.50
C LEU B 115 27.04 5.92 9.87
N THR B 116 26.14 6.02 10.83
CA THR B 116 26.48 5.83 12.24
C THR B 116 25.38 5.08 13.00
N GLY B 117 25.77 4.50 14.14
CA GLY B 117 24.85 3.82 15.05
C GLY B 117 24.54 4.74 16.23
N GLU B 118 23.30 5.22 16.28
CA GLU B 118 22.85 6.17 17.33
C GLU B 118 21.60 5.66 18.04
N ASN B 119 21.21 6.37 19.11
CA ASN B 119 19.98 6.09 19.82
C ASN B 119 18.78 6.47 18.96
N ASN B 120 17.83 5.56 18.83
CA ASN B 120 16.65 5.79 17.99
C ASN B 120 15.73 6.84 18.58
N VAL B 121 15.45 7.89 17.80
CA VAL B 121 14.44 8.90 18.14
C VAL B 121 13.38 9.06 17.04
N PHE B 122 13.39 8.15 16.05
CA PHE B 122 12.49 8.17 14.89
C PHE B 122 12.61 9.42 14.01
N ALA B 123 13.81 9.97 13.91
CA ALA B 123 14.09 11.11 13.03
C ALA B 123 14.10 10.67 11.56
N ALA B 124 13.85 11.61 10.65
CA ALA B 124 13.92 11.35 9.21
C ALA B 124 15.32 10.86 8.78
N LYS B 125 16.36 11.40 9.41
CA LYS B 125 17.74 10.89 9.23
C LYS B 125 17.98 9.43 9.66
N GLN B 126 17.03 8.84 10.40
CA GLN B 126 17.08 7.44 10.81
C GLN B 126 16.08 6.54 10.07
N ALA B 127 15.44 7.09 9.03
CA ALA B 127 14.44 6.38 8.23
C ALA B 127 15.07 5.97 6.91
N TRP B 128 14.76 4.75 6.46
CA TRP B 128 15.40 4.15 5.28
C TRP B 128 14.42 3.35 4.44
N ARG B 129 14.54 3.46 3.13
CA ARG B 129 13.79 2.61 2.19
C ARG B 129 14.70 1.52 1.65
N ILE B 130 14.45 0.29 2.09
CA ILE B 130 15.09 -0.87 1.50
C ILE B 130 14.37 -1.16 0.19
N GLY B 131 15.06 -0.95 -0.92
CA GLY B 131 14.49 -1.19 -2.24
C GLY B 131 15.38 -0.72 -3.36
N ASN B 132 15.24 -1.36 -4.52
CA ASN B 132 16.04 -1.04 -5.71
C ASN B 132 15.59 0.29 -6.33
N TYR B 133 14.28 0.53 -6.30
CA TYR B 133 13.72 1.79 -6.76
C TYR B 133 13.95 2.82 -5.66
N VAL B 134 14.92 3.72 -5.90
CA VAL B 134 15.33 4.72 -4.91
C VAL B 134 14.71 6.10 -5.13
N GLU B 135 14.00 6.29 -6.26
CA GLU B 135 13.49 7.61 -6.64
C GLU B 135 12.35 8.03 -5.72
N PRO B 136 12.15 9.35 -5.54
CA PRO B 136 10.97 9.79 -4.79
C PRO B 136 9.67 9.46 -5.52
N ILE B 137 8.68 8.97 -4.79
CA ILE B 137 7.39 8.59 -5.38
C ILE B 137 6.50 9.83 -5.46
N VAL B 138 6.23 10.28 -6.68
CA VAL B 138 5.36 11.45 -6.88
C VAL B 138 3.90 11.02 -6.77
N THR B 139 3.13 11.80 -6.01
CA THR B 139 1.74 11.45 -5.71
C THR B 139 0.95 12.63 -5.17
N THR B 140 -0.37 12.51 -5.27
CA THR B 140 -1.28 13.36 -4.52
C THR B 140 -1.57 12.67 -3.19
N ILE B 141 -2.03 13.43 -2.20
CA ILE B 141 -2.43 12.89 -0.91
C ILE B 141 -3.86 13.33 -0.62
N ILE B 142 -4.81 12.40 -0.80
CA ILE B 142 -6.23 12.66 -0.64
C ILE B 142 -6.67 12.33 0.77
N GLY B 143 -7.42 13.24 1.39
CA GLY B 143 -7.91 13.07 2.77
C GLY B 143 -9.39 13.38 2.88
N LEU B 144 -9.77 14.10 3.93
CA LEU B 144 -11.16 14.34 4.32
C LEU B 144 -11.96 15.08 3.25
N ARG B 145 -13.19 14.61 3.04
CA ARG B 145 -14.08 15.07 1.96
C ARG B 145 -13.46 14.93 0.57
N HIS B 146 -12.61 13.91 0.42
CA HIS B 146 -12.00 13.55 -0.87
C HIS B 146 -11.20 14.71 -1.49
N MET B 147 -10.55 15.49 -0.62
CA MET B 147 -9.79 16.69 -1.02
C MET B 147 -8.29 16.43 -0.89
N CYS B 148 -7.51 17.22 -1.63
CA CYS B 148 -6.05 17.03 -1.71
C CYS B 148 -5.28 17.99 -0.81
N LEU B 149 -4.20 17.50 -0.19
CA LEU B 149 -3.24 18.37 0.49
C LEU B 149 -2.56 19.24 -0.55
N GLU B 150 -2.61 20.56 -0.35
CA GLU B 150 -1.95 21.50 -1.24
C GLU B 150 -0.93 22.32 -0.46
N ALA B 151 0.24 22.54 -1.06
CA ALA B 151 1.24 23.46 -0.53
C ALA B 151 0.76 24.88 -0.77
N THR B 152 0.73 25.70 0.28
CA THR B 152 0.12 27.03 0.23
C THR B 152 1.01 28.09 0.89
N ASP B 153 0.72 29.35 0.56
CA ASP B 153 1.45 30.52 1.07
C ASP B 153 2.95 30.41 0.77
N ASN B 154 3.27 30.27 -0.51
CA ASN B 154 4.66 30.14 -0.98
C ASN B 154 5.40 29.00 -0.27
N ASP B 155 4.74 27.83 -0.23
CA ASP B 155 5.29 26.61 0.37
C ASP B 155 5.72 26.78 1.83
N THR B 156 4.88 27.45 2.62
CA THR B 156 5.05 27.57 4.07
C THR B 156 3.97 26.81 4.85
N ASN B 157 2.73 26.81 4.35
CA ASN B 157 1.62 26.08 4.97
C ASN B 157 1.07 24.97 4.08
N VAL B 158 0.33 24.06 4.69
CA VAL B 158 -0.33 22.98 3.99
C VAL B 158 -1.77 22.85 4.51
N TRP B 159 -2.73 22.74 3.60
CA TRP B 159 -4.11 22.40 3.95
C TRP B 159 -4.84 21.72 2.79
N LEU B 160 -6.08 21.30 3.05
CA LEU B 160 -6.88 20.58 2.07
C LEU B 160 -7.55 21.51 1.08
N GLU B 161 -7.52 21.13 -0.20
CA GLU B 161 -8.16 21.88 -1.28
C GLU B 161 -8.76 20.88 -2.26
N SER B 162 -9.78 21.32 -3.01
CA SER B 162 -10.39 20.48 -4.04
C SER B 162 -9.32 20.01 -5.01
N CYS B 163 -9.25 18.69 -5.21
CA CYS B 163 -8.25 18.07 -6.08
C CYS B 163 -8.44 18.54 -7.52
N VAL B 164 -7.36 19.01 -8.13
CA VAL B 164 -7.34 19.38 -9.54
C VAL B 164 -6.20 18.61 -10.19
N LYS B 165 -6.52 17.86 -11.23
CA LYS B 165 -5.55 17.05 -11.96
C LYS B 165 -4.41 17.92 -12.52
N ASN B 166 -3.17 17.53 -12.20
CA ASN B 166 -1.96 18.23 -12.64
C ASN B 166 -1.72 19.63 -12.04
N LYS B 167 -2.42 19.99 -10.95
CA LYS B 167 -2.18 21.26 -10.26
C LYS B 167 -0.91 21.14 -9.41
N THR B 168 0.11 21.92 -9.77
CA THR B 168 1.48 21.71 -9.28
C THR B 168 1.60 21.52 -7.76
N LYS B 169 0.98 22.42 -7.00
CA LYS B 169 1.14 22.44 -5.54
C LYS B 169 0.41 21.34 -4.75
N GLN B 170 -0.44 20.56 -5.42
CA GLN B 170 -1.06 19.38 -4.82
C GLN B 170 -0.28 18.07 -5.03
N TYR B 171 0.88 18.14 -5.69
CA TYR B 171 1.75 16.98 -5.88
C TYR B 171 2.90 17.00 -4.88
N TRP B 172 3.21 15.82 -4.34
CA TRP B 172 4.19 15.64 -3.27
C TRP B 172 5.15 14.52 -3.63
N ALA B 173 6.39 14.66 -3.21
CA ALA B 173 7.42 13.64 -3.44
C ALA B 173 7.69 12.92 -2.13
N LEU B 174 7.49 11.60 -2.12
CA LEU B 174 7.72 10.78 -0.95
C LEU B 174 9.13 10.18 -1.04
N TYR B 175 10.02 10.65 -0.17
CA TYR B 175 11.43 10.27 -0.20
C TYR B 175 11.73 9.04 0.64
N SER B 176 12.88 8.42 0.37
CA SER B 176 13.32 7.20 1.05
C SER B 176 13.58 7.38 2.54
N ASP B 177 13.71 8.63 2.99
CA ASP B 177 13.78 9.00 4.41
C ASP B 177 12.44 9.31 5.08
N ASP B 178 11.34 8.78 4.53
CA ASP B 178 9.98 9.02 5.04
C ASP B 178 9.57 10.50 5.13
N THR B 179 10.21 11.38 4.36
CA THR B 179 9.79 12.78 4.29
C THR B 179 8.75 12.95 3.20
N ILE B 180 7.81 13.87 3.43
CA ILE B 180 6.85 14.29 2.42
C ILE B 180 7.29 15.69 1.99
N ARG B 181 7.65 15.83 0.71
CA ARG B 181 8.23 17.07 0.19
C ARG B 181 7.40 17.67 -0.91
N VAL B 182 7.49 19.00 -1.04
CA VAL B 182 6.85 19.72 -2.14
C VAL B 182 7.53 19.27 -3.44
N ASN B 183 6.74 18.81 -4.40
CA ASN B 183 7.27 18.26 -5.64
C ASN B 183 7.94 19.31 -6.52
N ASN B 184 7.43 20.54 -6.45
CA ASN B 184 7.97 21.68 -7.18
C ASN B 184 9.26 22.23 -6.58
N ASN B 185 9.54 21.87 -5.32
CA ASN B 185 10.67 22.40 -4.56
C ASN B 185 11.06 21.39 -3.49
N ARG B 186 11.92 20.44 -3.88
CA ARG B 186 12.25 19.28 -3.05
C ARG B 186 13.28 19.55 -1.94
N ASN B 187 13.65 20.82 -1.75
CA ASN B 187 14.30 21.28 -0.51
C ASN B 187 13.34 21.42 0.67
N LEU B 188 12.04 21.48 0.40
CA LEU B 188 11.04 21.74 1.44
C LEU B 188 10.30 20.46 1.83
N CYS B 189 10.09 20.27 3.12
CA CYS B 189 9.46 19.08 3.70
C CYS B 189 8.23 19.48 4.51
N VAL B 190 7.21 18.63 4.49
CA VAL B 190 6.05 18.78 5.39
C VAL B 190 6.54 18.44 6.79
N SER B 191 6.14 19.26 7.77
CA SER B 191 6.71 19.19 9.12
C SER B 191 5.67 19.44 10.19
N SER B 192 5.77 18.67 11.28
CA SER B 192 5.04 18.97 12.49
C SER B 192 5.63 20.24 13.11
N SER B 193 4.86 20.87 13.98
CA SER B 193 5.20 22.19 14.51
C SER B 193 6.48 22.16 15.33
N THR B 194 7.33 23.14 15.11
CA THR B 194 8.53 23.35 15.94
C THR B 194 8.18 24.22 17.16
N ASP B 195 7.14 25.03 17.04
CA ASP B 195 6.59 25.78 18.16
C ASP B 195 5.75 24.84 19.05
N SER B 196 6.00 24.90 20.35
CA SER B 196 5.35 24.03 21.33
C SER B 196 3.88 24.41 21.56
N SER B 197 3.53 25.67 21.30
CA SER B 197 2.17 26.16 21.49
C SER B 197 1.20 25.79 20.37
N SER B 198 1.71 25.56 19.16
CA SER B 198 0.89 25.17 18.01
C SER B 198 1.04 23.69 17.70
N LYS B 199 -0.06 23.07 17.26
CA LYS B 199 -0.04 21.72 16.68
C LYS B 199 -0.08 21.75 15.14
N LEU B 200 -0.01 22.94 14.54
CA LEU B 200 -0.25 23.12 13.12
C LEU B 200 0.88 22.58 12.26
N ILE B 201 0.55 21.71 11.31
CA ILE B 201 1.52 21.11 10.39
C ILE B 201 1.85 22.10 9.27
N VAL B 202 3.14 22.23 8.99
CA VAL B 202 3.65 23.26 8.09
C VAL B 202 4.60 22.65 7.07
N ILE B 203 5.02 23.48 6.12
CA ILE B 203 6.12 23.17 5.22
C ILE B 203 7.33 23.99 5.67
N ARG B 204 8.45 23.31 5.87
CA ARG B 204 9.73 23.94 6.23
C ARG B 204 10.87 23.31 5.45
N ARG B 205 12.03 23.96 5.52
CA ARG B 205 13.27 23.47 4.91
C ARG B 205 13.65 22.13 5.54
N CYS B 206 13.93 21.13 4.69
CA CYS B 206 14.23 19.78 5.16
C CYS B 206 15.50 19.74 6.01
N ASP B 207 15.42 19.08 7.17
CA ASP B 207 16.53 19.00 8.12
C ASP B 207 16.75 17.64 8.81
N GLY B 208 16.10 16.59 8.33
CA GLY B 208 16.23 15.25 8.93
C GLY B 208 15.65 15.06 10.33
N SER B 209 14.83 16.00 10.79
CA SER B 209 14.35 16.00 12.17
C SER B 209 13.20 15.00 12.37
N ILE B 210 12.79 14.86 13.63
CA ILE B 210 11.68 13.99 14.00
C ILE B 210 10.37 14.57 13.45
N ASN B 211 10.30 15.91 13.40
CA ASN B 211 9.13 16.62 12.87
C ASN B 211 8.78 16.28 11.43
N GLN B 212 9.79 15.92 10.64
CA GLN B 212 9.61 15.69 9.20
C GLN B 212 9.51 14.21 8.77
N ARG B 213 9.58 13.29 9.73
CA ARG B 213 9.46 11.85 9.46
C ARG B 213 7.99 11.39 9.53
N TRP B 214 7.49 10.85 8.40
CA TRP B 214 6.06 10.49 8.24
C TRP B 214 5.91 9.09 7.67
N VAL B 215 5.11 8.26 8.33
CA VAL B 215 4.93 6.85 7.99
C VAL B 215 3.48 6.59 7.57
N PHE B 216 3.28 6.17 6.31
CA PHE B 216 1.94 5.87 5.80
C PHE B 216 1.57 4.46 6.22
N THR B 217 0.75 4.36 7.26
CA THR B 217 0.42 3.08 7.86
C THR B 217 -0.64 2.34 7.05
N PRO B 218 -0.68 1.00 7.13
CA PRO B 218 -1.72 0.21 6.44
C PRO B 218 -3.14 0.50 6.91
N GLN B 219 -3.29 1.05 8.12
CA GLN B 219 -4.58 1.52 8.63
C GLN B 219 -4.99 2.93 8.16
N GLY B 220 -4.30 3.50 7.17
CA GLY B 220 -4.73 4.72 6.51
C GLY B 220 -4.35 6.03 7.19
N THR B 221 -3.54 5.97 8.25
CA THR B 221 -3.03 7.18 8.89
C THR B 221 -1.65 7.54 8.34
N ILE B 222 -1.27 8.80 8.54
CA ILE B 222 0.08 9.29 8.25
C ILE B 222 0.68 9.61 9.62
N SER B 223 1.56 8.74 10.09
CA SER B 223 2.06 8.75 11.46
C SER B 223 3.42 9.41 11.58
N ASN B 224 3.57 10.26 12.59
CA ASN B 224 4.89 10.64 13.09
C ASN B 224 5.25 9.71 14.26
N PRO B 225 6.00 8.62 13.99
CA PRO B 225 6.26 7.65 15.06
C PRO B 225 7.08 8.18 16.25
N GLY B 226 7.87 9.23 16.04
CA GLY B 226 8.63 9.85 17.12
C GLY B 226 7.77 10.56 18.16
N TYR B 227 6.81 11.35 17.70
CA TYR B 227 5.84 12.01 18.58
C TYR B 227 4.56 11.19 18.87
N GLU B 228 4.49 9.96 18.37
CA GLU B 228 3.39 9.02 18.65
C GLU B 228 2.00 9.57 18.30
N ALA B 229 1.93 10.24 17.15
CA ALA B 229 0.71 10.95 16.71
C ALA B 229 0.57 10.86 15.20
N VAL B 230 -0.57 11.33 14.70
CA VAL B 230 -0.89 11.23 13.28
C VAL B 230 -1.42 12.55 12.71
N MET B 231 -1.35 12.69 11.39
CA MET B 231 -1.92 13.86 10.70
C MET B 231 -3.43 13.83 10.85
N ASP B 232 -4.00 14.99 11.12
CA ASP B 232 -5.43 15.12 11.40
C ASP B 232 -5.91 16.48 10.91
N VAL B 233 -7.16 16.55 10.48
CA VAL B 233 -7.75 17.80 10.01
C VAL B 233 -8.32 18.49 11.25
N ALA B 234 -8.04 19.77 11.41
CA ALA B 234 -8.47 20.53 12.60
C ALA B 234 -10.00 20.53 12.75
N GLN B 235 -10.49 19.83 13.78
CA GLN B 235 -11.94 19.71 14.06
C GLN B 235 -12.76 18.98 12.99
N ASN B 236 -12.10 18.13 12.19
CA ASN B 236 -12.73 17.49 11.03
C ASN B 236 -13.46 18.49 10.10
N ASP B 237 -12.87 19.67 9.94
CA ASP B 237 -13.43 20.75 9.12
C ASP B 237 -12.35 21.25 8.17
N VAL B 238 -12.49 20.91 6.90
CA VAL B 238 -11.50 21.26 5.88
C VAL B 238 -11.43 22.76 5.60
N TYR B 239 -12.53 23.47 5.84
CA TYR B 239 -12.59 24.93 5.58
C TYR B 239 -11.86 25.76 6.63
N LEU B 240 -11.49 25.14 7.75
CA LEU B 240 -10.58 25.77 8.71
C LEU B 240 -9.15 25.89 8.18
N LYS B 241 -8.79 25.07 7.18
CA LYS B 241 -7.52 25.17 6.45
C LYS B 241 -6.31 24.96 7.37
N LYS B 242 -6.43 23.93 8.20
CA LYS B 242 -5.44 23.59 9.20
C LYS B 242 -5.36 22.08 9.32
N ILE B 243 -4.15 21.55 9.16
CA ILE B 243 -3.85 20.15 9.39
C ILE B 243 -2.98 20.13 10.62
N VAL B 244 -3.30 19.27 11.58
CA VAL B 244 -2.64 19.23 12.88
C VAL B 244 -2.16 17.83 13.23
N LEU B 245 -1.27 17.78 14.22
CA LEU B 245 -0.77 16.52 14.77
C LEU B 245 -1.60 16.17 16.02
N SER B 246 -2.19 14.98 16.03
CA SER B 246 -3.07 14.55 17.13
C SER B 246 -2.84 13.07 17.45
N SER B 247 -3.09 12.69 18.70
CA SER B 247 -3.07 11.28 19.11
C SER B 247 -4.06 10.49 18.25
N ALA B 248 -3.66 9.27 17.88
CA ALA B 248 -4.50 8.42 17.03
C ALA B 248 -5.83 8.14 17.73
N THR B 249 -6.93 8.24 16.97
CA THR B 249 -8.28 8.03 17.47
C THR B 249 -9.27 7.76 16.34
N ASP B 250 -10.25 6.91 16.59
CA ASP B 250 -11.26 6.54 15.60
C ASP B 250 -12.44 7.54 15.49
N LYS B 251 -12.48 8.54 16.37
CA LYS B 251 -13.56 9.55 16.34
C LYS B 251 -13.33 10.52 15.17
N GLY B 252 -14.28 10.53 14.22
CA GLY B 252 -14.14 11.28 12.97
C GLY B 252 -13.37 10.51 11.89
N ASN B 253 -13.25 11.12 10.72
CA ASN B 253 -12.46 10.58 9.60
C ASN B 253 -11.27 11.48 9.20
N GLY B 254 -10.97 12.48 10.03
CA GLY B 254 -9.91 13.44 9.74
C GLY B 254 -8.50 12.88 9.72
N GLN B 255 -8.30 11.72 10.33
CA GLN B 255 -7.00 11.04 10.35
C GLN B 255 -6.86 9.95 9.28
N GLN B 256 -7.78 9.92 8.30
CA GLN B 256 -7.72 8.93 7.22
C GLN B 256 -7.25 9.58 5.93
N TRP B 257 -6.31 8.92 5.27
CA TRP B 257 -5.66 9.45 4.08
C TRP B 257 -5.49 8.35 3.05
N THR B 258 -5.50 8.73 1.77
CA THR B 258 -5.21 7.82 0.67
C THR B 258 -4.07 8.39 -0.16
N VAL B 259 -3.15 7.51 -0.56
CA VAL B 259 -2.06 7.86 -1.46
C VAL B 259 -2.49 7.53 -2.89
N PHE B 260 -2.66 8.56 -3.71
CA PHE B 260 -3.13 8.42 -5.08
C PHE B 260 -2.03 8.91 -6.02
N TYR B 261 -1.37 7.98 -6.69
CA TYR B 261 -0.04 8.17 -7.28
C TYR B 261 -0.07 8.00 -8.79
C1 NAG C . 25.28 -5.11 17.18
C2 NAG C . 26.25 -5.88 16.29
C3 NAG C . 27.04 -6.93 17.07
C4 NAG C . 27.61 -6.38 18.36
C5 NAG C . 26.53 -5.63 19.12
C6 NAG C . 27.11 -4.98 20.35
C7 NAG C . 25.43 -5.89 14.05
C8 NAG C . 24.98 -6.73 12.89
N2 NAG C . 25.54 -6.50 15.20
O3 NAG C . 28.11 -7.37 16.24
O4 NAG C . 28.07 -7.46 19.17
O5 NAG C . 25.97 -4.62 18.31
O6 NAG C . 27.64 -3.72 19.96
O7 NAG C . 25.69 -4.71 13.91
C1 NAG C . 29.52 -7.44 19.17
C2 NAG C . 30.05 -8.12 20.42
C3 NAG C . 31.55 -8.31 20.36
C4 NAG C . 31.87 -9.10 19.11
C5 NAG C . 31.45 -8.24 17.93
C6 NAG C . 31.81 -8.92 16.62
C7 NAG C . 28.76 -7.83 22.42
C8 NAG C . 28.32 -6.88 23.49
N2 NAG C . 29.69 -7.38 21.61
O3 NAG C . 32.02 -8.99 21.52
O4 NAG C . 33.25 -9.43 19.04
O5 NAG C . 30.05 -8.03 17.98
O6 NAG C . 31.25 -10.23 16.61
O7 NAG C . 28.29 -8.95 22.30
C1 BMA C . 34.62 -10.09 19.51
C2 BMA C . 35.69 -9.92 18.46
C3 BMA C . 36.99 -10.58 18.88
C4 BMA C . 37.40 -10.08 20.26
C5 BMA C . 36.26 -10.30 21.25
C6 BMA C . 36.63 -9.78 22.63
O2 BMA C . 35.91 -8.53 18.24
O3 BMA C . 38.03 -10.26 17.94
O4 BMA C . 38.56 -10.79 20.70
O5 BMA C . 35.08 -9.63 20.80
O6 BMA C . 35.56 -10.02 23.54
C1 NAG D . -10.65 -22.82 -14.32
C2 NAG D . -10.01 -23.04 -15.69
C3 NAG D . -9.57 -24.49 -15.86
C4 NAG D . -8.76 -24.96 -14.65
C5 NAG D . -9.47 -24.62 -13.35
C6 NAG D . -8.63 -25.03 -12.14
C7 NAG D . -10.61 -22.78 -18.02
C8 NAG D . -11.72 -22.53 -18.99
N2 NAG D . -10.94 -22.67 -16.74
O3 NAG D . -8.77 -24.61 -17.05
O4 NAG D . -8.56 -26.38 -14.74
O5 NAG D . -9.74 -23.22 -13.30
O6 NAG D . -9.38 -24.82 -10.95
O7 NAG D . -9.48 -23.06 -18.39
C1 AMG E . 33.82 5.44 -5.41
C2 AMG E . 32.70 4.42 -5.39
C3 AMG E . 31.42 5.01 -4.81
C4 AMG E . 31.71 5.68 -3.48
C5 AMG E . 32.89 6.64 -3.60
C6 AMG E . 33.21 7.28 -2.25
C7 AMG E . 34.50 7.50 -6.35
O1 AMG E . 33.47 6.51 -6.28
O2 AMG E . 32.45 3.94 -6.71
O3 AMG E . 30.44 3.99 -4.63
O4 AMG E . 32.01 4.69 -2.50
O5 AMG E . 34.03 5.95 -4.10
O6 AMG E . 34.31 8.19 -2.40
#